data_4LK4
#
_entry.id   4LK4
#
_cell.length_a   121.570
_cell.length_b   121.570
_cell.length_c   71.310
_cell.angle_alpha   90.000
_cell.angle_beta   90.000
_cell.angle_gamma   90.000
#
_symmetry.space_group_name_H-M   'P 42 21 2'
#
loop_
_entity.id
_entity.type
_entity.pdbx_description
1 polymer 'VESB protease'
2 water water
#
_entity_poly.entity_id   1
_entity_poly.type   'polypeptide(L)'
_entity_poly.pdbx_seq_one_letter_code
;MESTADISSRIINGSNANSAEWPSIVALVKRGADAYQGQFCGGSFLGGRYVLTAAHCFDSRSAASVDVIIGAYDLNNSSQ
GERIAAQKIYRHLSYSPSNLLNDIAIVELAQTSSLPAITLAGPATRTSLPALTPLTVAGWGITVQSKPPQFTPILQEVDV
DLVSQSLCQIVMQHGISSDPNSTNFCAARLTKDSCQGDAGGPIVVKTGREQLGIVSWGDEQCAKTGTYGVYTNVSYFRDW
ITKHTNQLSYDQVANLGIRPLGKVSQSFTYTNLDANALTYTGNTFSSLPADFSVLSDGCSTKVTLATGESCSVEVAVDAQ
HYRQYQYDFELIFSYAGGSKRATSRIQLDTSENLYFQ
;
_entity_poly.pdbx_strand_id   A
#
# COMPACT_ATOMS: atom_id res chain seq x y z
N ARG A 10 26.96 13.53 1.37
CA ARG A 10 25.64 14.22 1.28
C ARG A 10 25.25 14.34 -0.19
N ILE A 11 24.25 13.56 -0.60
CA ILE A 11 23.84 13.50 -1.99
C ILE A 11 22.83 14.62 -2.21
N ILE A 12 23.35 15.78 -2.57
CA ILE A 12 22.58 17.03 -2.56
C ILE A 12 21.68 17.08 -3.79
N ASN A 13 22.23 16.71 -4.94
CA ASN A 13 21.47 16.57 -6.17
C ASN A 13 21.25 15.09 -6.36
N GLY A 14 20.20 14.76 -7.08
CA GLY A 14 19.91 13.35 -7.35
C GLY A 14 21.04 12.80 -8.18
N SER A 15 21.22 11.49 -8.10
CA SER A 15 22.37 10.84 -8.69
C SER A 15 22.05 9.36 -8.90
N ASN A 16 22.65 8.76 -9.93
CA ASN A 16 22.49 7.36 -10.18
C ASN A 16 22.83 6.59 -8.89
N ALA A 17 21.95 5.75 -8.40
CA ALA A 17 22.23 5.02 -7.17
C ALA A 17 23.29 3.94 -7.35
N ASN A 18 23.88 3.48 -6.25
CA ASN A 18 24.68 2.26 -6.21
C ASN A 18 23.74 1.09 -5.87
N SER A 19 23.61 0.12 -6.76
CA SER A 19 22.52 -0.89 -6.71
C SER A 19 22.59 -1.87 -5.56
N ALA A 20 23.82 -2.12 -5.12
CA ALA A 20 24.07 -2.97 -4.00
C ALA A 20 23.53 -2.35 -2.72
N GLU A 21 23.30 -1.03 -2.71
CA GLU A 21 22.75 -0.36 -1.53
C GLU A 21 21.22 -0.39 -1.52
N TRP A 22 20.63 -0.85 -2.62
CA TRP A 22 19.18 -0.86 -2.72
C TRP A 22 18.64 -2.19 -3.28
N PRO A 23 18.96 -3.30 -2.60
CA PRO A 23 18.49 -4.59 -3.11
C PRO A 23 16.99 -4.78 -2.89
N SER A 24 16.40 -4.00 -1.97
CA SER A 24 14.98 -4.14 -1.67
C SER A 24 14.07 -3.14 -2.39
N ILE A 25 14.61 -2.31 -3.28
CA ILE A 25 13.78 -1.37 -4.04
C ILE A 25 12.85 -2.12 -4.98
N VAL A 26 11.73 -1.51 -5.33
CA VAL A 26 10.82 -2.15 -6.28
C VAL A 26 10.30 -1.16 -7.31
N ALA A 27 10.33 -1.58 -8.58
CA ALA A 27 9.66 -0.85 -9.63
C ALA A 27 8.32 -1.48 -9.93
N LEU A 28 7.30 -0.65 -9.99
CA LEU A 28 5.96 -1.10 -10.38
C LEU A 28 5.77 -0.81 -11.85
N VAL A 29 5.45 -1.84 -12.62
CA VAL A 29 5.39 -1.66 -14.06
C VAL A 29 4.15 -2.30 -14.60
N LYS A 30 3.65 -1.73 -15.68
CA LYS A 30 2.45 -2.18 -16.32
C LYS A 30 2.68 -3.57 -16.86
N ARG A 31 1.72 -4.48 -16.62
CA ARG A 31 1.85 -5.85 -17.06
C ARG A 31 1.86 -5.96 -18.56
N GLY A 32 2.75 -6.81 -19.07
CA GLY A 32 2.88 -7.06 -20.52
C GLY A 32 3.71 -6.01 -21.22
N ALA A 33 4.16 -4.97 -20.51
CA ALA A 33 4.96 -3.94 -21.14
C ALA A 33 6.47 -4.02 -20.77
N ASP A 34 7.29 -3.44 -21.65
CA ASP A 34 8.70 -3.23 -21.42
C ASP A 34 8.86 -2.50 -20.07
N ALA A 35 9.83 -2.93 -19.27
CA ALA A 35 9.97 -2.43 -17.88
C ALA A 35 10.19 -0.93 -17.82
N TYR A 36 11.05 -0.41 -18.70
CA TYR A 36 11.37 1.02 -18.75
C TYR A 36 10.17 1.85 -19.23
N GLN A 37 9.54 1.47 -20.34
CA GLN A 37 8.37 2.17 -20.87
C GLN A 37 7.17 2.10 -19.91
N GLY A 38 7.01 0.97 -19.23
CA GLY A 38 5.83 0.70 -18.42
C GLY A 38 5.97 1.08 -16.95
N GLN A 39 7.15 1.52 -16.51
CA GLN A 39 7.32 1.81 -15.09
C GLN A 39 6.40 2.97 -14.71
N PHE A 40 5.66 2.89 -13.62
CA PHE A 40 4.82 4.03 -13.19
C PHE A 40 4.96 4.37 -11.72
N CYS A 41 5.53 3.52 -10.90
CA CYS A 41 5.68 3.86 -9.47
C CYS A 41 6.87 3.12 -8.90
N GLY A 42 7.21 3.45 -7.65
CA GLY A 42 8.15 2.70 -6.90
C GLY A 42 7.53 1.96 -5.72
N GLY A 43 8.36 1.16 -5.06
CA GLY A 43 7.93 0.39 -3.92
C GLY A 43 9.12 -0.15 -3.20
N SER A 44 8.84 -0.86 -2.11
CA SER A 44 9.86 -1.56 -1.34
C SER A 44 9.37 -2.97 -1.06
N PHE A 45 10.30 -3.93 -0.98
CA PHE A 45 9.93 -5.34 -0.81
C PHE A 45 9.94 -5.68 0.67
N LEU A 46 8.82 -6.18 1.23
CA LEU A 46 8.76 -6.43 2.69
C LEU A 46 9.12 -7.87 3.06
N GLY A 47 9.25 -8.74 2.07
CA GLY A 47 9.53 -10.16 2.31
C GLY A 47 8.33 -10.98 1.86
N GLY A 48 8.61 -12.24 1.52
CA GLY A 48 7.57 -13.17 1.12
C GLY A 48 7.00 -12.69 -0.17
N ARG A 49 5.72 -12.37 -0.18
CA ARG A 49 5.07 -11.92 -1.39
C ARG A 49 4.52 -10.50 -1.28
N TYR A 50 5.11 -9.66 -0.43
CA TYR A 50 4.54 -8.34 -0.20
C TYR A 50 5.45 -7.18 -0.52
N VAL A 51 4.84 -6.18 -1.13
CA VAL A 51 5.49 -4.94 -1.50
C VAL A 51 4.71 -3.76 -0.90
N LEU A 52 5.44 -2.78 -0.40
CA LEU A 52 4.88 -1.59 0.22
C LEU A 52 4.99 -0.46 -0.77
N THR A 53 3.92 0.31 -0.91
CA THR A 53 3.88 1.37 -1.90
C THR A 53 2.81 2.37 -1.52
N ALA A 54 2.50 3.30 -2.41
CA ALA A 54 1.55 4.38 -2.15
C ALA A 54 0.20 3.98 -2.69
N ALA A 55 -0.90 4.33 -2.03
CA ALA A 55 -2.23 3.92 -2.58
C ALA A 55 -2.58 4.62 -3.87
N HIS A 56 -2.21 5.89 -4.02
CA HIS A 56 -2.66 6.59 -5.21
C HIS A 56 -2.02 6.09 -6.52
N CYS A 57 -0.93 5.33 -6.45
CA CYS A 57 -0.40 4.61 -7.62
C CYS A 57 -1.47 3.72 -8.29
N PHE A 58 -2.51 3.37 -7.56
CA PHE A 58 -3.54 2.49 -8.10
C PHE A 58 -4.90 3.15 -8.25
N ASP A 59 -4.99 4.48 -8.18
CA ASP A 59 -6.29 5.16 -8.39
C ASP A 59 -7.00 4.60 -9.63
N SER A 60 -6.24 4.31 -10.68
CA SER A 60 -6.85 3.91 -11.97
C SER A 60 -6.36 2.58 -12.52
N ARG A 61 -5.91 1.69 -11.63
CA ARG A 61 -5.30 0.43 -12.02
C ARG A 61 -5.72 -0.61 -11.04
N SER A 62 -5.69 -1.86 -11.47
CA SER A 62 -5.86 -2.97 -10.54
C SER A 62 -4.82 -4.07 -10.76
N ALA A 63 -4.85 -5.01 -9.84
CA ALA A 63 -3.84 -6.04 -9.71
C ALA A 63 -3.42 -6.65 -11.03
N ALA A 64 -4.38 -7.07 -11.85
CA ALA A 64 -4.08 -7.85 -13.08
C ALA A 64 -3.35 -7.06 -14.16
N SER A 65 -3.28 -5.75 -14.01
CA SER A 65 -2.52 -4.94 -14.95
C SER A 65 -1.14 -4.53 -14.38
N VAL A 66 -0.72 -5.18 -13.30
CA VAL A 66 0.51 -4.73 -12.60
C VAL A 66 1.50 -5.84 -12.31
N ASP A 67 2.76 -5.58 -12.67
CA ASP A 67 3.90 -6.38 -12.24
C ASP A 67 4.76 -5.55 -11.32
N VAL A 68 5.61 -6.23 -10.56
CA VAL A 68 6.65 -5.55 -9.81
C VAL A 68 7.98 -6.16 -10.20
N ILE A 69 9.02 -5.36 -10.03
CA ILE A 69 10.41 -5.81 -10.27
C ILE A 69 11.21 -5.48 -9.03
N ILE A 70 11.52 -6.52 -8.27
CA ILE A 70 12.20 -6.41 -6.98
C ILE A 70 13.69 -6.38 -7.27
N GLY A 71 14.39 -5.43 -6.68
CA GLY A 71 15.85 -5.31 -6.91
C GLY A 71 16.11 -4.80 -8.30
N ALA A 72 15.13 -4.08 -8.86
CA ALA A 72 15.33 -3.43 -10.18
C ALA A 72 16.40 -2.38 -10.02
N TYR A 73 17.13 -2.09 -11.08
CA TYR A 73 18.09 -1.00 -11.07
C TYR A 73 18.14 -0.26 -12.41
N ASP A 74 18.62 -0.91 -13.45
CA ASP A 74 18.55 -0.38 -14.84
C ASP A 74 17.31 -1.01 -15.46
N LEU A 75 16.27 -0.20 -15.65
CA LEU A 75 15.01 -0.78 -16.10
C LEU A 75 15.11 -1.46 -17.47
N ASN A 76 16.09 -1.09 -18.28
CA ASN A 76 16.32 -1.72 -19.56
C ASN A 76 17.07 -3.06 -19.52
N ASN A 77 17.44 -3.50 -18.32
CA ASN A 77 18.21 -4.71 -18.17
C ASN A 77 17.36 -5.73 -17.47
N SER A 78 16.67 -6.57 -18.25
CA SER A 78 15.71 -7.51 -17.68
C SER A 78 16.35 -8.66 -16.87
N SER A 79 17.67 -8.73 -16.83
CA SER A 79 18.34 -9.69 -15.95
C SER A 79 18.60 -9.16 -14.53
N GLN A 80 18.33 -7.88 -14.27
CA GLN A 80 18.47 -7.33 -12.92
C GLN A 80 17.11 -7.41 -12.23
N GLY A 81 17.06 -8.05 -11.07
CA GLY A 81 15.82 -8.18 -10.29
C GLY A 81 14.81 -9.21 -10.78
N GLU A 82 13.83 -9.54 -9.94
CA GLU A 82 12.80 -10.51 -10.26
C GLU A 82 11.52 -9.80 -10.63
N ARG A 83 11.03 -10.05 -11.83
CA ARG A 83 9.75 -9.51 -12.26
C ARG A 83 8.67 -10.49 -11.88
N ILE A 84 7.69 -10.01 -11.10
CA ILE A 84 6.63 -10.88 -10.57
C ILE A 84 5.25 -10.22 -10.72
N ALA A 85 4.24 -10.99 -11.05
CA ALA A 85 2.89 -10.42 -11.17
C ALA A 85 2.25 -10.07 -9.83
N ALA A 86 1.49 -9.00 -9.82
CA ALA A 86 0.67 -8.67 -8.69
C ALA A 86 -0.56 -9.59 -8.73
N GLN A 87 -1.04 -10.04 -7.58
CA GLN A 87 -2.31 -10.74 -7.57
C GLN A 87 -3.35 -10.05 -6.72
N LYS A 88 -2.97 -9.39 -5.63
CA LYS A 88 -3.92 -8.54 -4.90
C LYS A 88 -3.33 -7.20 -4.48
N ILE A 89 -4.19 -6.21 -4.36
CA ILE A 89 -3.84 -4.92 -3.84
C ILE A 89 -4.73 -4.61 -2.62
N TYR A 90 -4.09 -4.17 -1.52
CA TYR A 90 -4.81 -3.67 -0.36
C TYR A 90 -4.47 -2.21 -0.21
N ARG A 91 -5.47 -1.34 -0.27
CA ARG A 91 -5.24 0.07 -0.01
C ARG A 91 -5.84 0.45 1.32
N HIS A 92 -5.35 1.50 1.95
CA HIS A 92 -5.94 1.91 3.20
C HIS A 92 -7.38 2.29 2.96
N LEU A 93 -8.29 1.79 3.78
CA LEU A 93 -9.71 2.03 3.56
C LEU A 93 -10.13 3.47 3.91
N SER A 94 -9.26 4.19 4.63
CA SER A 94 -9.38 5.63 4.88
C SER A 94 -8.55 6.49 3.90
N TYR A 95 -7.94 5.87 2.90
CA TYR A 95 -7.29 6.62 1.82
C TYR A 95 -8.32 7.55 1.22
N SER A 96 -7.95 8.81 1.08
CA SER A 96 -8.78 9.79 0.38
C SER A 96 -7.93 10.38 -0.73
N PRO A 97 -8.35 10.22 -1.97
CA PRO A 97 -7.58 10.73 -3.08
C PRO A 97 -7.58 12.26 -3.19
N SER A 98 -8.50 12.98 -2.55
CA SER A 98 -8.52 14.43 -2.75
C SER A 98 -7.24 15.06 -2.18
N ASN A 99 -6.91 14.74 -0.93
CA ASN A 99 -5.72 15.29 -0.28
C ASN A 99 -4.69 14.22 0.10
N LEU A 100 -4.87 13.03 -0.45
CA LEU A 100 -3.96 11.92 -0.29
C LEU A 100 -3.55 11.56 1.14
N LEU A 101 -4.45 11.73 2.11
CA LEU A 101 -4.19 11.14 3.42
C LEU A 101 -4.33 9.61 3.38
N ASN A 102 -3.57 8.97 4.27
CA ASN A 102 -3.49 7.54 4.38
C ASN A 102 -3.12 6.91 3.06
N ASP A 103 -2.12 7.51 2.43
CA ASP A 103 -1.70 7.11 1.10
C ASP A 103 -0.76 5.94 1.22
N ILE A 104 -1.32 4.76 1.43
CA ILE A 104 -0.51 3.59 1.57
C ILE A 104 -1.24 2.38 1.04
N ALA A 105 -0.45 1.44 0.50
CA ALA A 105 -0.98 0.23 -0.09
C ALA A 105 0.00 -0.93 -0.02
N ILE A 106 -0.53 -2.14 -0.06
CA ILE A 106 0.28 -3.36 -0.13
C ILE A 106 -0.03 -4.05 -1.44
N VAL A 107 1.03 -4.48 -2.14
CA VAL A 107 0.85 -5.33 -3.29
C VAL A 107 1.22 -6.74 -2.86
N GLU A 108 0.25 -7.65 -2.93
CA GLU A 108 0.46 -9.06 -2.70
C GLU A 108 0.82 -9.65 -4.06
N LEU A 109 1.91 -10.39 -4.11
CA LEU A 109 2.47 -10.88 -5.36
C LEU A 109 2.04 -12.30 -5.66
N ALA A 110 2.01 -12.69 -6.92
CA ALA A 110 1.60 -14.06 -7.29
C ALA A 110 2.57 -15.16 -6.83
N GLN A 111 3.75 -14.77 -6.39
CA GLN A 111 4.64 -15.74 -5.76
C GLN A 111 5.60 -14.99 -4.85
N THR A 112 6.21 -15.73 -3.94
CA THR A 112 7.12 -15.17 -2.97
C THR A 112 8.45 -14.89 -3.66
N SER A 113 9.20 -13.92 -3.14
CA SER A 113 10.60 -13.78 -3.51
C SER A 113 11.42 -14.05 -2.29
N SER A 114 12.67 -14.46 -2.52
CA SER A 114 13.60 -14.64 -1.42
C SER A 114 14.70 -13.57 -1.44
N LEU A 115 14.56 -12.57 -2.31
CA LEU A 115 15.48 -11.42 -2.31
C LEU A 115 15.41 -10.67 -0.99
N PRO A 116 16.43 -9.87 -0.65
CA PRO A 116 16.41 -9.24 0.67
C PRO A 116 15.26 -8.26 0.82
N ALA A 117 14.76 -8.19 2.04
CA ALA A 117 13.65 -7.30 2.37
C ALA A 117 14.17 -6.05 3.07
N ILE A 118 13.44 -4.96 2.91
CA ILE A 118 13.76 -3.75 3.61
C ILE A 118 13.35 -3.89 5.08
N THR A 119 13.97 -3.11 5.93
CA THR A 119 13.62 -3.06 7.33
C THR A 119 12.84 -1.79 7.50
N LEU A 120 11.65 -1.93 8.07
CA LEU A 120 10.76 -0.80 8.27
C LEU A 120 11.09 -0.14 9.56
N ALA A 121 10.85 1.16 9.66
CA ALA A 121 11.07 1.87 10.92
C ALA A 121 10.08 1.40 12.00
N GLY A 122 10.53 1.43 13.26
CA GLY A 122 9.74 1.00 14.40
C GLY A 122 8.61 1.96 14.65
N PRO A 123 7.54 1.48 15.28
CA PRO A 123 6.41 2.38 15.55
C PRO A 123 6.82 3.70 16.26
N ALA A 124 7.84 3.65 17.12
CA ALA A 124 8.26 4.83 17.85
C ALA A 124 9.31 5.69 17.12
N THR A 125 9.84 5.24 15.99
CA THR A 125 11.00 5.89 15.40
C THR A 125 10.73 7.32 14.88
N ARG A 126 9.64 7.52 14.16
CA ARG A 126 9.38 8.82 13.51
C ARG A 126 9.28 9.95 14.50
N THR A 127 8.53 9.76 15.57
CA THR A 127 8.41 10.84 16.55
C THR A 127 9.69 11.03 17.36
N SER A 128 10.66 10.11 17.25
CA SER A 128 11.99 10.24 17.93
C SER A 128 13.01 11.11 17.22
N LEU A 129 12.73 11.41 15.96
CA LEU A 129 13.69 12.03 15.07
C LEU A 129 13.59 13.54 15.15
N PRO A 130 14.73 14.21 15.41
CA PRO A 130 14.67 15.67 15.34
C PRO A 130 14.62 16.14 13.89
N ALA A 131 14.13 17.36 13.71
CA ALA A 131 14.13 18.03 12.41
C ALA A 131 15.58 18.06 11.94
N LEU A 132 15.73 17.97 10.62
CA LEU A 132 17.03 17.89 9.95
C LEU A 132 17.69 16.52 10.00
N THR A 133 17.05 15.52 10.60
CA THR A 133 17.53 14.16 10.47
C THR A 133 17.73 13.88 8.97
N PRO A 134 18.94 13.47 8.57
CA PRO A 134 19.19 13.20 7.16
C PRO A 134 18.43 11.97 6.68
N LEU A 135 17.73 12.07 5.55
CA LEU A 135 17.04 10.94 4.98
C LEU A 135 17.44 10.80 3.52
N THR A 136 17.25 9.60 2.98
CA THR A 136 17.52 9.32 1.58
C THR A 136 16.32 8.68 0.89
N VAL A 137 15.94 9.26 -0.25
CA VAL A 137 14.84 8.84 -1.10
C VAL A 137 15.40 8.14 -2.31
N ALA A 138 14.68 7.16 -2.83
CA ALA A 138 15.18 6.44 -3.99
C ALA A 138 14.06 6.18 -4.98
N GLY A 139 14.38 6.27 -6.25
CA GLY A 139 13.42 5.97 -7.29
C GLY A 139 13.89 6.50 -8.62
N TRP A 140 13.04 6.31 -9.64
CA TRP A 140 13.37 6.69 -11.00
C TRP A 140 13.00 8.15 -11.37
N GLY A 141 12.11 8.76 -10.61
CA GLY A 141 11.74 10.16 -10.91
C GLY A 141 12.69 11.31 -10.54
N ILE A 142 13.80 11.05 -9.83
CA ILE A 142 14.42 12.12 -9.05
C ILE A 142 15.10 13.19 -9.90
N THR A 143 14.82 14.46 -9.58
CA THR A 143 15.00 15.62 -10.48
C THR A 143 15.62 16.85 -9.77
N PHE A 151 12.14 10.51 -18.39
CA PHE A 151 12.96 9.99 -17.30
C PHE A 151 13.95 8.80 -17.60
N THR A 152 14.96 8.69 -16.77
CA THR A 152 16.06 7.76 -16.99
C THR A 152 15.78 6.35 -16.50
N PRO A 153 16.40 5.35 -17.14
CA PRO A 153 16.10 3.99 -16.71
C PRO A 153 16.82 3.54 -15.47
N ILE A 154 17.65 4.41 -14.92
CA ILE A 154 18.57 4.07 -13.83
C ILE A 154 18.01 4.60 -12.49
N LEU A 155 18.03 3.74 -11.49
CA LEU A 155 17.59 4.11 -10.15
C LEU A 155 18.41 5.29 -9.62
N GLN A 156 17.72 6.34 -9.22
CA GLN A 156 18.34 7.50 -8.60
C GLN A 156 18.13 7.52 -7.07
N GLU A 157 19.00 8.25 -6.38
CA GLU A 157 18.82 8.55 -4.97
C GLU A 157 19.13 10.02 -4.72
N VAL A 158 18.65 10.55 -3.61
CA VAL A 158 18.97 11.90 -3.20
C VAL A 158 18.73 12.07 -1.69
N ASP A 159 19.50 12.94 -1.07
CA ASP A 159 19.28 13.21 0.33
C ASP A 159 18.33 14.37 0.51
N VAL A 160 17.54 14.27 1.58
CA VAL A 160 16.59 15.28 1.97
C VAL A 160 16.65 15.36 3.48
N ASP A 161 16.27 16.51 4.02
CA ASP A 161 16.20 16.73 5.48
C ASP A 161 14.78 16.69 6.03
N LEU A 162 14.59 16.03 7.18
CA LEU A 162 13.30 16.05 7.87
C LEU A 162 12.93 17.49 8.26
N VAL A 163 11.69 17.88 8.02
CA VAL A 163 11.13 19.19 8.33
C VAL A 163 10.26 19.13 9.60
N SER A 164 10.16 20.24 10.36
CA SER A 164 9.27 20.33 11.54
C SER A 164 7.85 20.02 11.16
N GLN A 165 7.19 19.14 11.89
CA GLN A 165 5.84 18.86 11.56
C GLN A 165 4.95 20.11 11.59
N SER A 166 5.10 21.01 12.55
CA SER A 166 4.20 22.19 12.55
C SER A 166 4.40 23.00 11.25
N LEU A 167 5.64 22.99 10.74
CA LEU A 167 5.96 23.69 9.50
C LEU A 167 5.45 23.03 8.24
N CYS A 168 5.57 21.71 8.23
CA CYS A 168 5.02 20.88 7.18
C CYS A 168 3.56 21.22 6.96
N GLN A 169 2.83 21.40 8.06
CA GLN A 169 1.41 21.64 7.96
C GLN A 169 1.12 23.00 7.36
N ILE A 170 1.85 23.99 7.81
CA ILE A 170 1.63 25.33 7.35
C ILE A 170 1.94 25.47 5.86
N VAL A 171 3.05 24.87 5.44
CA VAL A 171 3.52 25.06 4.07
C VAL A 171 2.70 24.24 3.11
N MET A 172 2.45 22.98 3.46
CA MET A 172 1.83 22.02 2.55
C MET A 172 0.32 21.84 2.72
N GLN A 173 -0.18 21.96 3.95
CA GLN A 173 -1.59 21.93 4.24
C GLN A 173 -2.25 20.61 3.79
N HIS A 174 -3.22 20.64 2.87
CA HIS A 174 -3.89 19.45 2.40
C HIS A 174 -4.08 18.37 3.49
N GLY A 175 -4.59 18.84 4.62
CA GLY A 175 -5.01 17.98 5.73
C GLY A 175 -3.88 17.34 6.52
N ILE A 176 -2.67 17.88 6.39
CA ILE A 176 -1.51 17.43 7.12
C ILE A 176 -1.68 17.91 8.55
N SER A 177 -1.31 17.04 9.49
CA SER A 177 -1.46 17.38 10.88
C SER A 177 -0.18 18.01 11.38
N SER A 178 -0.30 18.85 12.40
CA SER A 178 0.86 19.41 13.04
C SER A 178 1.45 18.38 14.03
N ASP A 179 0.65 17.37 14.38
CA ASP A 179 1.06 16.28 15.24
C ASP A 179 1.90 15.32 14.40
N PRO A 180 3.16 15.09 14.80
CA PRO A 180 4.06 14.17 14.11
C PRO A 180 3.53 12.73 14.12
N ASN A 181 2.70 12.42 15.09
CA ASN A 181 2.09 11.13 15.19
C ASN A 181 0.88 11.13 14.26
N SER A 182 1.16 11.20 12.96
CA SER A 182 0.11 11.26 11.94
C SER A 182 0.57 10.60 10.63
N THR A 183 -0.37 10.54 9.72
CA THR A 183 -0.29 9.86 8.47
C THR A 183 0.89 10.24 7.56
N ASN A 184 1.37 11.48 7.64
CA ASN A 184 2.45 11.87 6.77
C ASN A 184 3.32 12.96 7.33
N PHE A 185 4.51 13.09 6.74
CA PHE A 185 5.48 14.12 7.12
C PHE A 185 6.17 14.69 5.89
N CYS A 186 6.99 15.72 6.11
CA CYS A 186 7.66 16.45 5.08
C CYS A 186 9.16 16.32 5.18
N ALA A 187 9.82 16.43 4.05
CA ALA A 187 11.25 16.50 4.03
C ALA A 187 11.66 17.36 2.85
N ALA A 188 12.78 18.02 3.02
CA ALA A 188 13.19 19.03 2.06
C ALA A 188 14.43 18.66 1.34
N ARG A 189 14.41 18.93 0.05
CA ARG A 189 15.60 18.84 -0.77
C ARG A 189 16.50 20.02 -0.58
N LEU A 190 17.77 19.82 -0.86
CA LEU A 190 18.74 20.85 -0.54
C LEU A 190 18.99 21.78 -1.71
N THR A 191 18.25 21.65 -2.82
CA THR A 191 18.30 22.58 -3.96
C THR A 191 16.89 22.90 -4.53
N GLN A 196 11.12 15.48 -8.00
CA GLN A 196 10.48 14.16 -7.82
C GLN A 196 9.31 13.85 -8.72
N GLY A 197 9.39 12.67 -9.35
CA GLY A 197 8.39 12.20 -10.32
C GLY A 197 7.68 10.87 -10.06
N ASP A 198 8.25 9.96 -9.24
CA ASP A 198 7.61 8.62 -9.00
C ASP A 198 7.30 8.31 -7.50
N ALA A 199 6.01 8.45 -7.21
CA ALA A 199 5.43 8.05 -5.93
C ALA A 199 5.64 6.57 -5.60
N GLY A 200 5.47 6.25 -4.34
CA GLY A 200 5.50 4.87 -3.85
C GLY A 200 6.86 4.40 -3.33
N GLY A 201 7.93 5.05 -3.74
CA GLY A 201 9.25 4.62 -3.38
C GLY A 201 9.58 4.97 -1.94
N PRO A 202 10.60 4.35 -1.42
CA PRO A 202 10.99 4.48 -0.03
C PRO A 202 11.80 5.74 0.28
N ILE A 203 11.62 6.27 1.48
CA ILE A 203 12.57 7.21 2.06
C ILE A 203 13.04 6.54 3.34
N VAL A 204 14.34 6.49 3.55
CA VAL A 204 14.93 5.73 4.63
C VAL A 204 15.77 6.65 5.50
N VAL A 205 15.96 6.29 6.74
CA VAL A 205 16.85 7.06 7.63
C VAL A 205 18.27 6.85 7.11
N LYS A 206 18.99 7.93 6.83
CA LYS A 206 20.29 7.82 6.19
C LYS A 206 21.26 6.95 7.02
N THR A 207 21.31 7.15 8.33
CA THR A 207 22.04 6.22 9.20
C THR A 207 21.11 5.11 9.70
N GLY A 208 21.37 3.86 9.32
CA GLY A 208 20.53 2.71 9.72
C GLY A 208 19.66 2.17 8.58
N ARG A 209 19.23 3.04 7.68
CA ARG A 209 18.55 2.63 6.44
C ARG A 209 17.13 2.11 6.63
N GLU A 210 16.55 2.29 7.80
CA GLU A 210 15.20 1.79 8.06
C GLU A 210 14.28 2.65 7.18
N GLN A 211 13.27 2.04 6.56
CA GLN A 211 12.33 2.82 5.76
C GLN A 211 11.39 3.56 6.68
N LEU A 212 11.51 4.88 6.66
CA LEU A 212 10.73 5.74 7.50
C LEU A 212 9.44 6.14 6.76
N GLY A 213 9.47 6.15 5.44
CA GLY A 213 8.38 6.77 4.73
C GLY A 213 8.18 6.24 3.34
N ILE A 214 7.08 6.68 2.71
CA ILE A 214 6.71 6.33 1.35
C ILE A 214 6.47 7.61 0.54
N VAL A 215 7.05 7.71 -0.64
CA VAL A 215 6.88 8.94 -1.39
C VAL A 215 5.42 9.12 -1.76
N SER A 216 4.83 10.26 -1.42
CA SER A 216 3.40 10.50 -1.67
C SER A 216 3.15 11.68 -2.63
N TRP A 217 3.52 12.89 -2.26
CA TRP A 217 3.22 14.06 -3.12
C TRP A 217 4.05 15.28 -2.75
N GLY A 218 3.78 16.42 -3.40
CA GLY A 218 4.52 17.67 -3.19
C GLY A 218 5.70 17.65 -4.14
N ASP A 219 6.50 18.70 -4.14
CA ASP A 219 7.76 18.72 -4.94
C ASP A 219 7.54 18.31 -6.41
N GLU A 220 6.42 18.74 -7.01
CA GLU A 220 6.12 18.42 -8.42
C GLU A 220 6.88 19.34 -9.41
N GLN A 221 7.34 20.50 -8.92
CA GLN A 221 7.93 21.53 -9.79
C GLN A 221 9.44 21.37 -9.92
N GLY A 226 9.14 26.54 -3.74
CA GLY A 226 8.89 26.81 -2.33
C GLY A 226 7.97 25.82 -1.64
N THR A 227 8.21 24.53 -1.88
CA THR A 227 7.47 23.43 -1.25
C THR A 227 8.41 22.29 -0.74
N TYR A 228 7.86 21.48 0.16
CA TYR A 228 8.47 20.26 0.64
C TYR A 228 7.88 19.06 -0.09
N GLY A 229 8.52 17.90 0.06
CA GLY A 229 7.96 16.64 -0.38
C GLY A 229 7.23 16.05 0.81
N VAL A 230 6.11 15.37 0.52
CA VAL A 230 5.29 14.79 1.54
C VAL A 230 5.35 13.26 1.45
N TYR A 231 5.56 12.63 2.59
CA TYR A 231 5.87 11.19 2.66
C TYR A 231 4.94 10.53 3.64
N THR A 232 4.32 9.42 3.24
CA THR A 232 3.50 8.68 4.13
C THR A 232 4.41 8.15 5.23
N ASN A 233 3.91 8.22 6.45
CA ASN A 233 4.65 7.90 7.65
C ASN A 233 4.59 6.40 8.02
N VAL A 234 5.66 5.66 7.74
CA VAL A 234 5.64 4.22 7.97
C VAL A 234 5.50 3.84 9.45
N SER A 235 6.08 4.62 10.35
CA SER A 235 5.96 4.32 11.79
C SER A 235 4.51 4.26 12.23
N TYR A 236 3.73 5.23 11.76
CA TYR A 236 2.36 5.39 12.17
C TYR A 236 1.53 4.24 11.62
N PHE A 237 2.05 3.53 10.61
CA PHE A 237 1.26 2.52 9.89
C PHE A 237 1.70 1.05 10.09
N ARG A 238 2.58 0.78 11.05
CA ARG A 238 3.10 -0.57 11.24
C ARG A 238 2.01 -1.62 11.45
N ASP A 239 1.00 -1.31 12.27
CA ASP A 239 -0.08 -2.25 12.49
C ASP A 239 -0.90 -2.46 11.24
N TRP A 240 -1.14 -1.40 10.49
CA TRP A 240 -1.95 -1.56 9.28
C TRP A 240 -1.20 -2.47 8.31
N ILE A 241 0.12 -2.28 8.24
CA ILE A 241 0.96 -3.07 7.34
C ILE A 241 0.98 -4.52 7.78
N THR A 242 1.15 -4.75 9.07
CA THR A 242 1.16 -6.09 9.62
C THR A 242 -0.13 -6.80 9.29
N LYS A 243 -1.25 -6.09 9.44
CA LYS A 243 -2.56 -6.64 9.19
C LYS A 243 -2.74 -7.05 7.72
N HIS A 244 -2.09 -6.34 6.79
CA HIS A 244 -2.25 -6.65 5.38
C HIS A 244 -1.08 -7.40 4.74
N THR A 245 -0.17 -7.94 5.57
CA THR A 245 0.92 -8.80 5.09
C THR A 245 0.91 -10.07 5.91
N ASN A 246 -0.29 -10.55 6.21
CA ASN A 246 -0.52 -11.58 7.23
C ASN A 246 -0.97 -12.91 6.61
N GLN A 247 -0.69 -13.10 5.32
CA GLN A 247 -0.97 -14.39 4.64
C GLN A 247 -2.43 -14.82 4.64
N LEU A 248 -3.31 -13.82 4.73
CA LEU A 248 -4.73 -13.98 4.47
C LEU A 248 -4.99 -13.13 3.23
N SER A 249 -5.19 -13.80 2.11
CA SER A 249 -5.42 -13.13 0.84
C SER A 249 -6.90 -13.03 0.52
N TYR A 250 -7.34 -11.82 0.22
CA TYR A 250 -8.72 -11.60 -0.11
C TYR A 250 -9.02 -10.37 -0.98
N ASP A 251 -10.23 -10.37 -1.54
CA ASP A 251 -10.79 -9.22 -2.25
C ASP A 251 -11.15 -8.14 -1.23
N GLN A 252 -10.47 -7.01 -1.32
CA GLN A 252 -10.69 -5.93 -0.36
C GLN A 252 -11.88 -5.06 -0.74
N VAL A 253 -11.86 -4.51 -1.95
CA VAL A 253 -12.81 -3.46 -2.31
C VAL A 253 -13.45 -3.88 -3.60
N ALA A 254 -14.76 -3.98 -3.59
CA ALA A 254 -15.49 -4.11 -4.83
C ALA A 254 -16.17 -2.80 -5.02
N ASN A 255 -15.63 -1.98 -5.92
CA ASN A 255 -16.27 -0.70 -6.24
C ASN A 255 -17.06 -0.86 -7.50
N LEU A 256 -18.38 -0.90 -7.40
CA LEU A 256 -19.22 -1.11 -8.55
C LEU A 256 -19.46 0.16 -9.32
N GLY A 257 -18.94 1.27 -8.84
CA GLY A 257 -19.05 2.53 -9.56
C GLY A 257 -20.50 2.90 -9.67
N ILE A 258 -20.86 3.60 -10.73
CA ILE A 258 -22.21 4.14 -10.87
C ILE A 258 -23.17 3.02 -11.30
N ARG A 259 -24.32 2.95 -10.63
CA ARG A 259 -25.27 1.87 -10.83
C ARG A 259 -26.71 2.38 -10.79
N PRO A 260 -27.66 1.67 -11.44
CA PRO A 260 -29.08 2.01 -11.24
C PRO A 260 -29.57 1.51 -9.88
N LEU A 261 -30.74 1.99 -9.49
CA LEU A 261 -31.41 1.46 -8.31
C LEU A 261 -31.61 -0.05 -8.45
N GLY A 262 -31.60 -0.76 -7.32
CA GLY A 262 -31.90 -2.20 -7.28
C GLY A 262 -30.90 -3.01 -6.50
N LYS A 263 -31.25 -4.25 -6.19
CA LYS A 263 -30.37 -5.18 -5.52
C LYS A 263 -29.14 -5.46 -6.38
N VAL A 264 -27.97 -5.05 -5.87
CA VAL A 264 -26.70 -5.41 -6.48
C VAL A 264 -25.97 -6.39 -5.58
N SER A 265 -25.42 -7.42 -6.21
CA SER A 265 -24.78 -8.52 -5.52
C SER A 265 -23.29 -8.59 -5.91
N GLN A 266 -22.47 -9.14 -5.04
CA GLN A 266 -21.03 -9.24 -5.31
C GLN A 266 -20.36 -10.25 -4.41
N SER A 267 -19.65 -11.20 -4.99
CA SER A 267 -18.90 -12.18 -4.23
C SER A 267 -17.49 -11.65 -3.77
N PHE A 268 -17.02 -12.13 -2.63
CA PHE A 268 -15.69 -11.79 -2.09
C PHE A 268 -14.99 -13.07 -1.64
N THR A 269 -13.73 -13.27 -2.03
CA THR A 269 -13.03 -14.50 -1.68
C THR A 269 -11.88 -14.27 -0.71
N TYR A 270 -11.79 -15.19 0.24
CA TYR A 270 -10.85 -15.17 1.37
C TYR A 270 -10.07 -16.47 1.33
N THR A 271 -8.75 -16.37 1.34
CA THR A 271 -7.87 -17.52 1.15
C THR A 271 -6.72 -17.52 2.17
N ASN A 272 -6.52 -18.66 2.82
CA ASN A 272 -5.45 -18.81 3.80
C ASN A 272 -4.16 -19.24 3.13
N LEU A 273 -3.18 -18.33 3.07
CA LEU A 273 -1.87 -18.66 2.57
C LEU A 273 -0.90 -19.10 3.68
N ASP A 274 -1.36 -19.12 4.93
CA ASP A 274 -0.51 -19.51 6.07
C ASP A 274 -0.46 -21.03 6.21
N ALA A 275 0.62 -21.54 6.79
CA ALA A 275 0.81 -23.00 6.95
C ALA A 275 -0.14 -23.58 8.01
N ASN A 276 -0.51 -22.76 8.99
CA ASN A 276 -1.49 -23.18 9.99
C ASN A 276 -2.92 -22.87 9.60
N ALA A 277 -3.82 -23.72 10.03
CA ALA A 277 -5.23 -23.59 9.67
C ALA A 277 -5.88 -22.34 10.28
N LEU A 278 -6.87 -21.81 9.56
CA LEU A 278 -7.64 -20.65 9.98
C LEU A 278 -9.05 -21.11 10.34
N THR A 279 -9.65 -20.54 11.38
CA THR A 279 -11.05 -20.89 11.73
C THR A 279 -11.91 -19.63 11.77
N TYR A 280 -12.94 -19.62 10.94
CA TYR A 280 -13.88 -18.51 10.88
C TYR A 280 -14.63 -18.44 12.19
N THR A 281 -14.51 -17.31 12.89
CA THR A 281 -14.97 -17.17 14.27
C THR A 281 -15.85 -15.94 14.50
N GLY A 282 -15.82 -14.99 13.56
CA GLY A 282 -16.68 -13.81 13.67
C GLY A 282 -16.80 -12.96 12.43
N ASN A 283 -17.76 -12.04 12.45
CA ASN A 283 -17.87 -11.03 11.43
C ASN A 283 -18.61 -9.83 11.98
N THR A 284 -18.70 -8.74 11.20
CA THR A 284 -19.33 -7.51 11.64
C THR A 284 -20.62 -7.22 10.85
N PHE A 285 -21.17 -8.26 10.23
CA PHE A 285 -22.37 -8.09 9.42
C PHE A 285 -23.53 -7.46 10.16
N SER A 286 -23.72 -7.85 11.44
CA SER A 286 -24.72 -7.23 12.32
C SER A 286 -24.70 -5.70 12.32
N SER A 287 -23.50 -5.14 12.45
CA SER A 287 -23.35 -3.68 12.56
C SER A 287 -23.86 -2.89 11.35
N LEU A 288 -23.99 -3.52 10.18
CA LEU A 288 -24.41 -2.78 8.98
C LEU A 288 -25.92 -2.64 8.86
N PRO A 289 -26.40 -1.63 8.08
CA PRO A 289 -27.85 -1.39 8.03
C PRO A 289 -28.67 -2.44 7.25
N ALA A 290 -29.95 -2.14 7.12
CA ALA A 290 -30.92 -2.98 6.41
C ALA A 290 -30.69 -3.04 4.92
N ASP A 291 -30.16 -1.97 4.34
CA ASP A 291 -29.73 -1.97 2.94
C ASP A 291 -28.80 -3.14 2.63
N PHE A 292 -27.94 -3.48 3.58
CA PHE A 292 -26.91 -4.48 3.37
C PHE A 292 -27.45 -5.82 3.78
N SER A 293 -27.05 -6.87 3.07
CA SER A 293 -27.50 -8.21 3.36
C SER A 293 -26.46 -9.22 2.85
N VAL A 294 -26.42 -10.40 3.46
CA VAL A 294 -25.52 -11.47 3.06
C VAL A 294 -26.33 -12.54 2.34
N LEU A 295 -26.20 -12.66 1.03
CA LEU A 295 -26.96 -13.68 0.32
C LEU A 295 -26.43 -15.08 0.57
N SER A 296 -25.13 -15.19 0.80
CA SER A 296 -24.47 -16.48 0.90
C SER A 296 -23.17 -16.24 1.67
N ASP A 297 -22.91 -17.06 2.68
CA ASP A 297 -21.67 -17.00 3.45
C ASP A 297 -21.01 -18.37 3.41
N GLY A 298 -20.20 -18.59 2.38
CA GLY A 298 -19.45 -19.82 2.24
C GLY A 298 -18.53 -20.10 3.40
N CYS A 299 -18.00 -19.05 4.03
CA CYS A 299 -17.06 -19.25 5.12
C CYS A 299 -17.76 -19.90 6.30
N SER A 300 -19.05 -19.62 6.46
CA SER A 300 -19.82 -20.31 7.51
C SER A 300 -20.10 -21.77 7.14
N THR A 301 -20.12 -22.12 5.85
CA THR A 301 -20.27 -23.51 5.46
C THR A 301 -18.97 -24.28 5.67
N LYS A 302 -17.86 -23.72 5.22
CA LYS A 302 -16.55 -24.36 5.41
C LYS A 302 -16.02 -24.25 6.85
N VAL A 303 -16.11 -23.06 7.45
CA VAL A 303 -15.65 -22.76 8.83
C VAL A 303 -14.14 -22.77 8.99
N THR A 304 -13.52 -23.92 8.70
CA THR A 304 -12.05 -24.07 8.79
C THR A 304 -11.40 -24.04 7.41
N LEU A 305 -10.24 -23.37 7.34
CA LEU A 305 -9.50 -23.15 6.10
C LEU A 305 -8.07 -23.61 6.25
N ALA A 306 -7.75 -24.72 5.59
CA ALA A 306 -6.41 -25.26 5.61
C ALA A 306 -5.56 -24.42 4.67
N THR A 307 -4.29 -24.75 4.52
CA THR A 307 -3.39 -24.01 3.63
C THR A 307 -3.89 -24.11 2.19
N GLY A 308 -4.14 -22.97 1.57
CA GLY A 308 -4.58 -22.95 0.17
C GLY A 308 -6.09 -23.01 -0.01
N GLU A 309 -6.83 -23.11 1.10
CA GLU A 309 -8.28 -23.19 1.03
C GLU A 309 -8.94 -21.79 1.03
N SER A 310 -10.02 -21.70 0.25
CA SER A 310 -10.77 -20.46 0.04
C SER A 310 -12.19 -20.64 0.52
N CYS A 311 -12.79 -19.54 0.94
CA CYS A 311 -14.22 -19.49 1.14
C CYS A 311 -14.67 -18.15 0.64
N SER A 312 -15.92 -18.08 0.23
CA SER A 312 -16.44 -16.89 -0.38
C SER A 312 -17.69 -16.48 0.33
N VAL A 313 -17.98 -15.19 0.22
CA VAL A 313 -19.15 -14.60 0.79
C VAL A 313 -19.77 -13.78 -0.31
N GLU A 314 -21.10 -13.79 -0.38
CA GLU A 314 -21.80 -13.07 -1.45
C GLU A 314 -22.76 -12.06 -0.81
N VAL A 315 -22.48 -10.78 -1.00
CA VAL A 315 -23.21 -9.73 -0.31
C VAL A 315 -24.01 -8.92 -1.28
N ALA A 316 -25.00 -8.23 -0.73
CA ALA A 316 -25.87 -7.41 -1.54
C ALA A 316 -26.22 -6.09 -0.90
N VAL A 317 -26.61 -5.14 -1.75
CA VAL A 317 -27.07 -3.85 -1.33
C VAL A 317 -28.33 -3.54 -2.12
N ASP A 318 -29.40 -3.25 -1.39
CA ASP A 318 -30.67 -2.86 -1.99
C ASP A 318 -30.65 -1.34 -2.01
N ALA A 319 -30.16 -0.79 -3.11
CA ALA A 319 -30.07 0.65 -3.26
C ALA A 319 -31.40 1.17 -3.76
N GLN A 320 -32.14 1.82 -2.86
CA GLN A 320 -33.45 2.36 -3.18
C GLN A 320 -33.47 3.89 -3.13
N HIS A 321 -32.38 4.51 -2.70
CA HIS A 321 -32.25 5.97 -2.68
C HIS A 321 -31.11 6.44 -3.57
N TYR A 322 -31.05 7.75 -3.74
CA TYR A 322 -30.05 8.41 -4.56
C TYR A 322 -28.92 8.92 -3.69
N ARG A 323 -27.83 8.17 -3.63
CA ARG A 323 -26.71 8.51 -2.76
C ARG A 323 -25.50 7.59 -2.98
N GLN A 324 -24.43 7.85 -2.25
CA GLN A 324 -23.27 6.97 -2.25
C GLN A 324 -23.42 5.90 -1.19
N TYR A 325 -23.23 4.66 -1.60
CA TYR A 325 -23.23 3.55 -0.67
C TYR A 325 -21.80 3.10 -0.50
N GLN A 326 -21.37 2.98 0.75
CA GLN A 326 -20.08 2.45 1.08
C GLN A 326 -20.15 1.67 2.36
N TYR A 327 -20.14 0.34 2.23
CA TYR A 327 -20.23 -0.53 3.40
C TYR A 327 -18.99 -1.37 3.58
N ASP A 328 -18.43 -1.30 4.78
CA ASP A 328 -17.28 -2.07 5.18
C ASP A 328 -17.66 -3.18 6.13
N PHE A 329 -17.18 -4.38 5.85
CA PHE A 329 -17.43 -5.51 6.72
C PHE A 329 -16.14 -6.31 6.91
N GLU A 330 -16.11 -7.03 8.01
CA GLU A 330 -14.93 -7.64 8.54
C GLU A 330 -15.21 -9.11 8.82
N LEU A 331 -14.34 -9.98 8.32
CA LEU A 331 -14.39 -11.38 8.72
C LEU A 331 -13.20 -11.62 9.64
N ILE A 332 -13.46 -12.30 10.76
CA ILE A 332 -12.46 -12.57 11.78
C ILE A 332 -12.17 -14.06 11.88
N PHE A 333 -10.89 -14.39 11.97
CA PHE A 333 -10.45 -15.78 12.05
C PHE A 333 -9.51 -15.95 13.20
N SER A 334 -9.62 -17.10 13.87
CA SER A 334 -8.72 -17.48 14.93
C SER A 334 -7.67 -18.37 14.32
N TYR A 335 -6.47 -18.32 14.85
CA TYR A 335 -5.46 -19.28 14.45
C TYR A 335 -4.45 -19.44 15.58
N ALA A 336 -3.64 -20.49 15.54
CA ALA A 336 -2.58 -20.68 16.55
C ALA A 336 -1.96 -19.35 16.99
N GLY A 337 -1.53 -18.56 16.01
CA GLY A 337 -0.84 -17.30 16.29
C GLY A 337 -1.64 -16.20 16.98
N GLY A 338 -2.97 -16.29 16.97
CA GLY A 338 -3.84 -15.27 17.58
C GLY A 338 -5.12 -15.11 16.77
N SER A 339 -5.18 -14.05 15.97
CA SER A 339 -6.32 -13.87 15.09
C SER A 339 -5.98 -13.02 13.90
N LYS A 340 -6.79 -13.14 12.85
CA LYS A 340 -6.64 -12.37 11.61
C LYS A 340 -7.97 -11.79 11.21
N ARG A 341 -7.93 -10.59 10.65
CA ARG A 341 -9.13 -9.88 10.25
C ARG A 341 -8.93 -9.46 8.83
N ALA A 342 -9.91 -9.74 7.99
CA ALA A 342 -9.99 -9.18 6.67
C ALA A 342 -11.16 -8.22 6.67
N THR A 343 -10.88 -7.00 6.22
CA THR A 343 -11.88 -5.94 6.10
C THR A 343 -12.09 -5.65 4.61
N SER A 344 -13.30 -5.91 4.13
CA SER A 344 -13.67 -5.67 2.73
C SER A 344 -14.68 -4.55 2.63
N ARG A 345 -14.94 -4.10 1.40
CA ARG A 345 -15.79 -2.94 1.15
C ARG A 345 -16.57 -3.14 -0.13
N ILE A 346 -17.84 -2.82 -0.09
CA ILE A 346 -18.66 -2.77 -1.26
C ILE A 346 -19.13 -1.34 -1.39
N GLN A 347 -19.05 -0.83 -2.59
CA GLN A 347 -19.28 0.56 -2.82
C GLN A 347 -19.94 0.73 -4.17
N LEU A 348 -20.80 1.74 -4.26
CA LEU A 348 -21.52 2.09 -5.48
C LEU A 348 -22.16 3.46 -5.33
N ASP A 349 -22.66 3.99 -6.43
CA ASP A 349 -23.22 5.34 -6.43
C ASP A 349 -24.43 5.45 -7.35
N THR A 350 -25.48 6.16 -6.88
CA THR A 350 -26.74 6.36 -7.64
C THR A 350 -27.13 7.87 -7.73
#